data_4JR6
#
_entry.id   4JR6
#
_cell.length_a   46.875
_cell.length_b   74.935
_cell.length_c   119.893
_cell.angle_alpha   90.000
_cell.angle_beta   90.000
_cell.angle_gamma   90.000
#
_symmetry.space_group_name_H-M   'P 21 21 21'
#
loop_
_entity.id
_entity.type
_entity.pdbx_description
1 polymer 'Possible conserved membrane or secreted protein'
2 non-polymer 'SULFATE ION'
3 water water
#
_entity_poly.entity_id   1
_entity_poly.type   'polypeptide(L)'
_entity_poly.pdbx_seq_one_letter_code
;(MSE)GSSHHHHHHSSGLVPRGSH(MSE)GVAGPGDAVRVTSSKLVTQPGTSNPKAVVSFYEDFLCPACGIFERGFGPTV
SKLVDIGAVAADYT(MSE)VAILDSASNQHYSSRAAAAAYCVADESIEAFRRFHAA(MSE)FSKDIQPAELGKDFPDNAR
LIELAREAGVVGKVPDCINSGKYIEKVDGLAAAVNVHATPTVRVNGTEYEWSTPAA(MSE)VAKIKEIVGDVPGIDSAAA
TATS
;
_entity_poly.pdbx_strand_id   A,B
#
loop_
_chem_comp.id
_chem_comp.type
_chem_comp.name
_chem_comp.formula
SO4 non-polymer 'SULFATE ION' 'O4 S -2'
#
# COMPACT_ATOMS: atom_id res chain seq x y z
N GLY A 27 20.29 7.56 -8.01
CA GLY A 27 20.54 6.26 -7.38
C GLY A 27 21.63 6.28 -6.32
N ASP A 28 21.25 5.94 -5.08
CA ASP A 28 19.87 5.57 -4.81
C ASP A 28 18.96 6.79 -4.71
N ALA A 29 19.53 7.96 -4.44
CA ALA A 29 18.72 9.18 -4.39
C ALA A 29 19.07 10.10 -5.54
N VAL A 30 18.12 10.91 -5.98
CA VAL A 30 18.41 12.03 -6.88
C VAL A 30 18.76 13.25 -6.02
N ARG A 31 19.97 13.77 -6.20
CA ARG A 31 20.42 14.90 -5.40
C ARG A 31 20.23 16.22 -6.16
N VAL A 32 19.39 17.07 -5.58
CA VAL A 32 19.09 18.39 -6.15
C VAL A 32 19.85 19.47 -5.36
N THR A 33 20.64 20.27 -6.09
CA THR A 33 21.43 21.37 -5.52
C THR A 33 21.36 22.55 -6.46
N SER A 34 21.84 23.70 -6.00
CA SER A 34 22.11 24.81 -6.90
C SER A 34 23.60 25.17 -6.80
N SER A 35 24.03 26.12 -7.63
CA SER A 35 25.44 26.45 -7.68
C SER A 35 25.85 27.16 -6.39
N LYS A 36 24.86 27.57 -5.59
CA LYS A 36 25.14 28.27 -4.35
C LYS A 36 25.33 27.34 -3.14
N LEU A 37 25.30 26.04 -3.38
CA LEU A 37 25.29 25.09 -2.28
C LEU A 37 26.38 25.41 -1.26
N VAL A 38 25.99 25.49 0.00
CA VAL A 38 26.93 25.64 1.10
C VAL A 38 27.56 24.31 1.44
N THR A 39 28.90 24.24 1.38
CA THR A 39 29.58 22.96 1.52
C THR A 39 30.47 22.95 2.75
N GLN A 40 30.84 21.76 3.22
CA GLN A 40 31.77 21.63 4.33
C GLN A 40 33.15 22.11 3.90
N PRO A 41 33.88 22.74 4.84
CA PRO A 41 35.17 23.32 4.50
C PRO A 41 36.11 22.32 3.85
N GLY A 42 36.74 22.74 2.76
CA GLY A 42 37.71 21.92 2.07
C GLY A 42 37.10 20.77 1.30
N THR A 43 35.78 20.75 1.18
CA THR A 43 35.16 19.70 0.38
C THR A 43 34.05 20.28 -0.48
N SER A 44 33.50 19.41 -1.33
CA SER A 44 32.31 19.72 -2.13
CA SER A 44 32.31 19.74 -2.12
C SER A 44 31.05 19.15 -1.51
N ASN A 45 31.15 18.57 -0.33
CA ASN A 45 29.98 17.95 0.30
C ASN A 45 29.07 18.97 1.00
N PRO A 46 27.75 18.87 0.78
CA PRO A 46 26.80 19.78 1.39
C PRO A 46 26.94 19.82 2.92
N LYS A 47 26.78 20.98 3.54
CA LYS A 47 26.73 21.03 5.02
C LYS A 47 25.46 20.39 5.55
N ALA A 48 24.40 20.49 4.77
CA ALA A 48 23.08 19.97 5.19
C ALA A 48 22.43 19.23 4.03
N VAL A 49 22.13 17.95 4.24
CA VAL A 49 21.41 17.15 3.26
C VAL A 49 20.07 16.79 3.87
N VAL A 50 19.00 17.19 3.20
CA VAL A 50 17.67 16.75 3.62
C VAL A 50 17.24 15.63 2.66
N SER A 51 17.12 14.41 3.19
CA SER A 51 16.70 13.23 2.39
C SER A 51 15.23 12.94 2.56
N PHE A 52 14.54 12.89 1.43
CA PHE A 52 13.13 12.58 1.38
C PHE A 52 12.95 11.17 0.85
N TYR A 53 12.10 10.39 1.50
CA TYR A 53 11.75 9.04 1.02
C TYR A 53 10.24 9.07 0.76
N GLU A 54 9.87 8.90 -0.52
CA GLU A 54 8.51 9.17 -0.95
C GLU A 54 8.03 8.14 -1.94
N ASP A 55 6.71 8.02 -2.04
CA ASP A 55 6.08 7.09 -2.96
C ASP A 55 5.07 7.94 -3.71
N PHE A 56 5.14 7.92 -5.04
CA PHE A 56 4.27 8.78 -5.85
C PHE A 56 2.79 8.46 -5.68
N LEU A 57 2.47 7.28 -5.16
CA LEU A 57 1.05 6.99 -4.89
C LEU A 57 0.55 7.37 -3.48
N CYS A 58 1.47 7.74 -2.60
CA CYS A 58 1.13 7.94 -1.19
C CYS A 58 0.45 9.29 -0.98
N PRO A 59 -0.82 9.28 -0.54
CA PRO A 59 -1.59 10.52 -0.39
C PRO A 59 -0.87 11.53 0.53
N ALA A 60 -0.33 11.01 1.64
CA ALA A 60 0.35 11.91 2.59
C ALA A 60 1.57 12.55 1.96
N CYS A 61 2.25 11.83 1.07
CA CYS A 61 3.40 12.40 0.37
C CYS A 61 2.98 13.55 -0.53
N GLY A 62 1.80 13.45 -1.14
CA GLY A 62 1.26 14.56 -1.90
C GLY A 62 1.01 15.78 -1.02
N ILE A 63 0.29 15.59 0.07
CA ILE A 63 0.09 16.69 1.01
C ILE A 63 1.41 17.31 1.47
N PHE A 64 2.37 16.46 1.81
CA PHE A 64 3.67 16.90 2.30
C PHE A 64 4.39 17.69 1.23
N GLU A 65 4.45 17.16 0.01
CA GLU A 65 5.19 17.86 -1.03
C GLU A 65 4.53 19.18 -1.42
N ARG A 66 3.20 19.23 -1.40
CA ARG A 66 2.55 20.47 -1.76
C ARG A 66 2.79 21.52 -0.69
N GLY A 67 2.81 21.05 0.57
CA GLY A 67 3.05 21.95 1.69
C GLY A 67 4.50 22.41 1.86
N PHE A 68 5.44 21.48 1.75
CA PHE A 68 6.87 21.79 1.93
C PHE A 68 7.66 22.15 0.65
N GLY A 69 7.11 21.83 -0.52
CA GLY A 69 7.86 21.93 -1.76
C GLY A 69 8.48 23.29 -2.04
N PRO A 70 7.68 24.36 -1.97
CA PRO A 70 8.23 25.72 -2.22
C PRO A 70 9.35 26.12 -1.22
N THR A 71 9.18 25.73 0.02
CA THR A 71 10.22 25.98 1.03
C THR A 71 11.51 25.24 0.71
N VAL A 72 11.39 23.96 0.35
CA VAL A 72 12.57 23.16 0.03
C VAL A 72 13.25 23.73 -1.21
N SER A 73 12.47 24.15 -2.20
CA SER A 73 13.02 24.72 -3.41
CA SER A 73 13.03 24.72 -3.42
C SER A 73 13.80 25.98 -3.10
N LYS A 74 13.23 26.83 -2.24
CA LYS A 74 13.96 28.03 -1.80
C LYS A 74 15.28 27.66 -1.07
N LEU A 75 15.23 26.64 -0.19
CA LEU A 75 16.46 26.21 0.52
C LEU A 75 17.53 25.69 -0.43
N VAL A 76 17.09 25.00 -1.46
CA VAL A 76 18.01 24.58 -2.53
C VAL A 76 18.56 25.79 -3.28
N ASP A 77 17.65 26.67 -3.74
CA ASP A 77 18.09 27.82 -4.53
C ASP A 77 19.13 28.69 -3.80
N ILE A 78 18.96 28.88 -2.51
CA ILE A 78 19.90 29.73 -1.78
C ILE A 78 21.15 28.98 -1.37
N GLY A 79 21.15 27.65 -1.56
CA GLY A 79 22.31 26.82 -1.29
C GLY A 79 22.34 26.26 0.13
N ALA A 80 21.28 26.48 0.90
CA ALA A 80 21.28 26.04 2.29
C ALA A 80 21.33 24.52 2.42
N VAL A 81 20.66 23.81 1.49
CA VAL A 81 20.66 22.35 1.51
C VAL A 81 20.92 21.70 0.16
N ALA A 82 21.36 20.44 0.17
CA ALA A 82 21.06 19.53 -0.91
C ALA A 82 19.79 18.78 -0.53
N ALA A 83 18.86 18.67 -1.48
CA ALA A 83 17.64 17.88 -1.26
C ALA A 83 17.78 16.58 -2.02
N ASP A 84 17.78 15.45 -1.29
CA ASP A 84 17.93 14.13 -1.89
C ASP A 84 16.58 13.42 -1.91
N TYR A 85 16.18 12.88 -3.06
CA TYR A 85 14.88 12.22 -3.18
C TYR A 85 15.06 10.73 -3.54
N THR A 86 14.54 9.86 -2.71
CA THR A 86 14.57 8.43 -3.02
C THR A 86 13.12 8.06 -3.20
N MSE A 87 12.76 7.63 -4.40
CA MSE A 87 11.36 7.41 -4.67
C MSE A 87 11.17 5.91 -4.55
O MSE A 87 11.54 5.17 -5.46
CB MSE A 87 11.02 7.86 -6.11
CG MSE A 87 11.32 9.34 -6.41
SE MSE A 87 10.49 10.57 -5.07
CE MSE A 87 8.61 9.93 -5.21
N VAL A 88 10.55 5.48 -3.45
CA VAL A 88 10.37 4.08 -3.29
C VAL A 88 9.03 3.71 -3.92
N ALA A 89 8.83 2.41 -4.02
CA ALA A 89 7.70 1.70 -4.59
C ALA A 89 6.76 0.95 -3.66
N ILE A 90 6.84 1.25 -2.35
N ILE A 90 6.85 1.22 -2.35
CA ILE A 90 6.16 0.48 -1.32
CA ILE A 90 6.16 0.39 -1.36
C ILE A 90 4.68 0.18 -1.61
C ILE A 90 4.66 0.17 -1.58
N LEU A 91 3.97 1.11 -2.23
CA LEU A 91 2.52 0.98 -2.46
C LEU A 91 2.19 0.26 -3.77
N ASP A 92 3.23 -0.20 -4.46
CA ASP A 92 3.01 -0.81 -5.75
C ASP A 92 2.15 -2.08 -5.68
N SER A 93 1.19 -2.21 -6.59
CA SER A 93 0.47 -3.49 -6.73
C SER A 93 -0.11 -3.68 -8.13
N ALA A 94 -0.48 -4.92 -8.48
CA ALA A 94 -1.16 -5.14 -9.74
C ALA A 94 -2.43 -4.31 -9.79
N SER A 95 -3.11 -4.18 -8.65
CA SER A 95 -4.36 -3.42 -8.58
C SER A 95 -4.22 -1.96 -9.04
N ASN A 96 -3.09 -1.34 -8.72
CA ASN A 96 -2.79 0.02 -9.23
C ASN A 96 -2.06 0.05 -10.58
N GLN A 97 -1.97 -1.10 -11.24
CA GLN A 97 -1.29 -1.21 -12.52
C GLN A 97 0.16 -0.82 -12.39
N HIS A 98 0.70 -1.19 -11.21
CA HIS A 98 2.09 -0.97 -10.87
C HIS A 98 2.45 0.49 -11.00
N TYR A 99 1.49 1.36 -10.64
CA TYR A 99 1.73 2.80 -10.75
C TYR A 99 2.93 3.30 -9.91
N SER A 100 3.04 2.85 -8.65
CA SER A 100 4.12 3.31 -7.77
CA SER A 100 4.11 3.30 -7.77
C SER A 100 5.50 3.05 -8.38
N SER A 101 5.73 1.82 -8.83
CA SER A 101 7.01 1.50 -9.44
C SER A 101 7.21 2.22 -10.78
N ARG A 102 6.20 2.21 -11.65
CA ARG A 102 6.36 2.90 -12.92
C ARG A 102 6.67 4.38 -12.76
N ALA A 103 5.98 5.04 -11.85
CA ALA A 103 6.19 6.46 -11.61
C ALA A 103 7.57 6.73 -11.00
N ALA A 104 7.98 5.93 -10.02
CA ALA A 104 9.32 6.10 -9.44
C ALA A 104 10.40 5.89 -10.51
N ALA A 105 10.21 4.84 -11.33
CA ALA A 105 11.18 4.55 -12.39
C ALA A 105 11.26 5.71 -13.34
N ALA A 106 10.09 6.24 -13.74
CA ALA A 106 10.04 7.40 -14.63
C ALA A 106 10.82 8.58 -14.06
N ALA A 107 10.67 8.86 -12.77
CA ALA A 107 11.41 9.96 -12.14
C ALA A 107 12.93 9.78 -12.24
N TYR A 108 13.41 8.57 -11.98
CA TYR A 108 14.84 8.33 -12.22
C TYR A 108 15.27 8.49 -13.70
N CYS A 109 14.43 8.04 -14.63
CA CYS A 109 14.69 8.31 -16.06
C CYS A 109 14.81 9.82 -16.34
N VAL A 110 13.90 10.61 -15.79
CA VAL A 110 13.91 12.03 -16.04
C VAL A 110 15.17 12.63 -15.42
N ALA A 111 15.53 12.16 -14.22
CA ALA A 111 16.73 12.64 -13.56
C ALA A 111 18.00 12.39 -14.38
N ASP A 112 18.05 11.27 -15.09
CA ASP A 112 19.16 11.05 -16.03
C ASP A 112 19.32 12.18 -17.04
N GLU A 113 18.22 12.69 -17.58
CA GLU A 113 18.26 13.78 -18.54
C GLU A 113 18.62 15.14 -17.91
N SER A 114 17.88 15.54 -16.88
CA SER A 114 18.14 16.81 -16.26
C SER A 114 17.68 16.81 -14.79
N ILE A 115 18.47 17.41 -13.89
CA ILE A 115 18.06 17.53 -12.50
C ILE A 115 16.98 18.58 -12.34
N GLU A 116 17.08 19.68 -13.07
CA GLU A 116 16.00 20.68 -13.08
C GLU A 116 14.68 20.11 -13.60
N ALA A 117 14.76 19.29 -14.66
CA ALA A 117 13.57 18.61 -15.16
C ALA A 117 13.01 17.64 -14.11
N PHE A 118 13.90 16.96 -13.39
CA PHE A 118 13.43 16.13 -12.28
C PHE A 118 12.68 16.97 -11.26
N ARG A 119 13.21 18.15 -10.89
CA ARG A 119 12.50 19.00 -9.91
C ARG A 119 11.07 19.26 -10.37
N ARG A 120 10.95 19.64 -11.64
CA ARG A 120 9.64 19.95 -12.17
C ARG A 120 8.71 18.75 -12.26
N PHE A 121 9.24 17.61 -12.70
CA PHE A 121 8.49 16.36 -12.83
C PHE A 121 7.97 15.88 -11.47
N HIS A 122 8.88 15.85 -10.50
CA HIS A 122 8.60 15.42 -9.15
C HIS A 122 7.51 16.29 -8.53
N ALA A 123 7.62 17.62 -8.70
CA ALA A 123 6.53 18.49 -8.29
C ALA A 123 5.19 18.22 -9.01
N ALA A 124 5.20 18.06 -10.34
CA ALA A 124 3.95 17.80 -11.07
C ALA A 124 3.26 16.52 -10.59
N MSE A 125 4.06 15.47 -10.36
CA MSE A 125 3.48 14.15 -10.05
C MSE A 125 2.74 14.21 -8.71
O MSE A 125 1.84 13.40 -8.48
CB MSE A 125 4.56 13.08 -9.97
CG MSE A 125 5.32 12.86 -11.23
SE MSE A 125 4.08 12.01 -12.51
CE MSE A 125 4.21 10.20 -11.82
N PHE A 126 3.13 15.14 -7.85
CA PHE A 126 2.47 15.30 -6.55
C PHE A 126 1.38 16.38 -6.56
N SER A 127 1.13 16.99 -7.72
CA SER A 127 0.13 18.06 -7.79
C SER A 127 -1.27 17.44 -7.68
N LYS A 128 -2.23 18.21 -7.18
CA LYS A 128 -3.59 17.68 -7.02
C LYS A 128 -4.20 17.17 -8.31
N ASP A 129 -3.94 17.81 -9.43
CA ASP A 129 -4.60 17.42 -10.68
C ASP A 129 -4.00 16.15 -11.28
N ILE A 130 -2.85 15.75 -10.77
CA ILE A 130 -2.09 14.61 -11.31
C ILE A 130 -2.12 13.37 -10.41
N GLN A 131 -1.68 13.51 -9.16
CA GLN A 131 -1.56 12.31 -8.32
C GLN A 131 -2.87 11.50 -8.29
N PRO A 132 -2.82 10.23 -8.70
CA PRO A 132 -4.03 9.40 -8.67
C PRO A 132 -4.37 8.95 -7.26
N ALA A 133 -5.65 8.70 -7.02
CA ALA A 133 -6.12 8.18 -5.75
C ALA A 133 -5.53 6.79 -5.46
N GLU A 134 -4.95 6.71 -4.27
N GLU A 134 -4.96 6.52 -4.29
CA GLU A 134 -4.71 5.45 -3.67
CA GLU A 134 -4.24 5.22 -4.11
C GLU A 134 -6.07 4.80 -3.57
C GLU A 134 -4.93 3.89 -4.59
N LEU A 135 -6.01 3.55 -3.88
CA LEU A 135 -7.07 2.59 -4.10
C LEU A 135 -8.08 2.88 -5.21
N GLY A 136 -7.77 3.82 -6.10
CA GLY A 136 -8.63 4.08 -7.25
C GLY A 136 -8.51 3.06 -8.37
N LYS A 137 -9.25 3.26 -9.45
CA LYS A 137 -9.09 2.46 -10.67
C LYS A 137 -8.36 3.10 -11.87
N ASP A 138 -8.05 4.40 -11.80
CA ASP A 138 -7.48 5.11 -12.94
C ASP A 138 -6.04 5.51 -12.60
N PHE A 139 -5.06 5.08 -13.39
CA PHE A 139 -3.65 5.44 -13.11
C PHE A 139 -2.93 5.81 -14.39
N PRO A 140 -2.04 6.81 -14.33
CA PRO A 140 -1.29 7.13 -15.55
C PRO A 140 -0.49 5.94 -16.11
N ASP A 141 -0.63 5.66 -17.40
CA ASP A 141 0.15 4.63 -18.06
C ASP A 141 1.54 5.18 -18.43
N ASN A 142 2.40 4.34 -18.96
CA ASN A 142 3.73 4.84 -19.33
C ASN A 142 3.71 5.96 -20.37
N ALA A 143 2.78 5.93 -21.35
CA ALA A 143 2.71 7.03 -22.31
C ALA A 143 2.47 8.37 -21.62
N ARG A 144 1.56 8.37 -20.64
CA ARG A 144 1.28 9.58 -19.88
C ARG A 144 2.49 10.03 -19.04
N LEU A 145 3.21 9.07 -18.45
CA LEU A 145 4.41 9.43 -17.70
C LEU A 145 5.43 10.08 -18.63
N ILE A 146 5.55 9.55 -19.85
CA ILE A 146 6.51 10.08 -20.81
C ILE A 146 6.09 11.50 -21.21
N GLU A 147 4.79 11.71 -21.37
CA GLU A 147 4.28 13.04 -21.74
C GLU A 147 4.52 14.03 -20.61
N LEU A 148 4.33 13.58 -19.37
CA LEU A 148 4.58 14.44 -18.22
C LEU A 148 6.08 14.76 -18.16
N ALA A 149 6.93 13.83 -18.56
CA ALA A 149 8.36 14.12 -18.66
C ALA A 149 8.63 15.20 -19.72
N ARG A 150 7.92 15.10 -20.85
CA ARG A 150 8.03 16.13 -21.90
C ARG A 150 7.61 17.49 -21.36
N GLU A 151 6.51 17.51 -20.62
CA GLU A 151 6.03 18.75 -20.03
C GLU A 151 7.04 19.29 -19.02
N ALA A 152 7.81 18.41 -18.41
CA ALA A 152 8.86 18.84 -17.47
C ALA A 152 10.09 19.34 -18.24
N GLY A 153 10.07 19.17 -19.55
CA GLY A 153 11.14 19.72 -20.39
C GLY A 153 12.15 18.75 -20.98
N VAL A 154 11.92 17.45 -20.86
CA VAL A 154 12.87 16.50 -21.45
C VAL A 154 12.22 15.42 -22.32
N VAL A 155 12.92 15.05 -23.40
CA VAL A 155 12.60 13.80 -24.08
C VAL A 155 13.85 12.92 -24.10
N GLY A 156 14.78 13.18 -25.01
CA GLY A 156 16.02 12.41 -24.99
C GLY A 156 15.78 10.91 -24.87
N LYS A 157 16.46 10.29 -23.90
CA LYS A 157 16.39 8.85 -23.67
C LYS A 157 15.21 8.42 -22.79
N VAL A 158 14.44 9.38 -22.31
CA VAL A 158 13.34 9.07 -21.39
C VAL A 158 12.31 8.09 -21.94
N PRO A 159 11.82 8.31 -23.17
CA PRO A 159 10.83 7.36 -23.69
C PRO A 159 11.34 5.92 -23.67
N ASP A 160 12.56 5.67 -24.11
CA ASP A 160 13.08 4.29 -24.13
C ASP A 160 13.41 3.81 -22.71
N CYS A 161 13.84 4.72 -21.85
CA CYS A 161 14.14 4.39 -20.45
C CYS A 161 12.89 3.89 -19.73
N ILE A 162 11.77 4.56 -19.97
CA ILE A 162 10.50 4.20 -19.34
C ILE A 162 9.88 2.96 -19.98
N ASN A 163 9.78 2.96 -21.30
CA ASN A 163 9.16 1.83 -21.98
C ASN A 163 9.90 0.51 -21.77
N SER A 164 11.22 0.57 -21.64
CA SER A 164 12.04 -0.63 -21.46
C SER A 164 12.05 -1.14 -20.01
N GLY A 165 11.44 -0.37 -19.11
CA GLY A 165 11.42 -0.74 -17.69
C GLY A 165 12.80 -0.70 -17.03
N LYS A 166 13.67 0.14 -17.55
CA LYS A 166 15.07 0.17 -17.12
C LYS A 166 15.27 0.23 -15.60
N TYR A 167 14.50 1.08 -14.94
CA TYR A 167 14.63 1.29 -13.50
C TYR A 167 13.65 0.57 -12.61
N ILE A 168 12.78 -0.26 -13.19
CA ILE A 168 11.77 -0.94 -12.39
C ILE A 168 12.39 -1.77 -11.26
N GLU A 169 13.39 -2.58 -11.59
CA GLU A 169 13.99 -3.45 -10.59
C GLU A 169 14.64 -2.64 -9.46
N LYS A 170 15.39 -1.62 -9.86
CA LYS A 170 15.97 -0.71 -8.89
C LYS A 170 14.91 -0.12 -7.93
N VAL A 171 13.87 0.49 -8.47
CA VAL A 171 12.93 1.18 -7.59
C VAL A 171 12.19 0.17 -6.73
N ASP A 172 11.95 -1.00 -7.29
CA ASP A 172 11.30 -2.07 -6.54
C ASP A 172 12.16 -2.51 -5.36
N GLY A 173 13.47 -2.35 -5.48
CA GLY A 173 14.36 -2.74 -4.38
C GLY A 173 14.77 -1.62 -3.44
N LEU A 174 14.37 -0.39 -3.75
CA LEU A 174 14.85 0.76 -2.94
C LEU A 174 14.48 0.72 -1.45
N ALA A 175 13.21 0.48 -1.14
CA ALA A 175 12.78 0.46 0.27
C ALA A 175 13.66 -0.46 1.09
N ALA A 176 13.90 -1.68 0.58
CA ALA A 176 14.77 -2.60 1.30
C ALA A 176 16.20 -2.08 1.34
N ALA A 177 16.67 -1.54 0.22
CA ALA A 177 18.04 -1.03 0.12
C ALA A 177 18.37 0.08 1.15
N VAL A 178 17.45 1.03 1.31
CA VAL A 178 17.67 2.15 2.20
C VAL A 178 17.02 1.94 3.57
N ASN A 179 16.42 0.77 3.77
CA ASN A 179 15.69 0.49 5.01
C ASN A 179 14.66 1.57 5.35
N VAL A 180 13.80 1.92 4.39
CA VAL A 180 12.68 2.82 4.68
C VAL A 180 11.40 2.15 4.26
N HIS A 181 10.58 1.86 5.26
CA HIS A 181 9.31 1.20 5.05
C HIS A 181 8.01 2.00 5.17
N ALA A 182 8.14 3.31 5.37
CA ALA A 182 6.98 4.18 5.50
C ALA A 182 7.27 5.52 4.82
N THR A 183 6.26 6.11 4.21
CA THR A 183 6.43 7.41 3.56
C THR A 183 5.31 8.34 4.01
N PRO A 184 5.58 9.66 4.02
CA PRO A 184 6.90 10.23 3.73
C PRO A 184 7.83 10.04 4.91
N THR A 185 9.13 9.91 4.66
CA THR A 185 10.14 9.85 5.73
C THR A 185 11.20 10.89 5.38
N VAL A 186 11.74 11.57 6.39
CA VAL A 186 12.76 12.58 6.17
C VAL A 186 13.94 12.33 7.09
N ARG A 187 15.13 12.47 6.56
CA ARG A 187 16.33 12.51 7.38
C ARG A 187 17.06 13.81 7.12
N VAL A 188 17.70 14.34 8.15
CA VAL A 188 18.53 15.53 8.00
C VAL A 188 19.93 15.11 8.41
N ASN A 189 20.87 15.19 7.48
CA ASN A 189 22.22 14.66 7.70
C ASN A 189 22.19 13.25 8.26
N GLY A 190 21.25 12.46 7.72
CA GLY A 190 21.17 11.04 8.01
C GLY A 190 20.41 10.70 9.27
N THR A 191 20.00 11.72 10.02
CA THR A 191 19.30 11.47 11.27
C THR A 191 17.80 11.58 11.03
N GLU A 192 17.03 10.63 11.56
N GLU A 192 17.02 10.63 11.55
CA GLU A 192 15.58 10.66 11.39
CA GLU A 192 15.58 10.67 11.38
C GLU A 192 15.07 12.04 11.79
C GLU A 192 15.03 12.02 11.82
N TYR A 193 14.16 12.59 10.99
CA TYR A 193 13.61 13.93 11.28
C TYR A 193 12.10 13.92 11.27
N GLU A 194 11.50 14.21 12.42
CA GLU A 194 10.04 14.24 12.46
C GLU A 194 9.66 15.68 12.12
N TRP A 195 9.07 15.87 10.94
CA TRP A 195 8.76 17.24 10.48
C TRP A 195 7.50 17.73 11.12
N SER A 196 7.34 19.04 11.18
CA SER A 196 6.08 19.60 11.59
C SER A 196 5.57 20.59 10.54
N THR A 197 6.20 21.76 10.50
CA THR A 197 5.87 22.80 9.53
C THR A 197 7.10 23.14 8.68
N PRO A 198 6.88 23.69 7.48
CA PRO A 198 8.02 24.17 6.69
C PRO A 198 8.90 25.15 7.48
N ALA A 199 8.25 26.03 8.25
CA ALA A 199 9.01 26.98 9.06
C ALA A 199 9.97 26.31 10.02
N ALA A 200 9.51 25.24 10.67
CA ALA A 200 10.36 24.50 11.61
C ALA A 200 11.53 23.85 10.87
N MSE A 201 11.27 23.38 9.66
CA MSE A 201 12.35 22.74 8.90
C MSE A 201 13.42 23.76 8.56
O MSE A 201 14.63 23.46 8.65
CB MSE A 201 11.86 22.08 7.64
CG MSE A 201 12.99 21.53 6.79
SE MSE A 201 12.32 20.69 5.12
CE MSE A 201 11.49 19.08 5.91
N VAL A 202 12.98 24.96 8.18
CA VAL A 202 13.94 26.02 7.89
C VAL A 202 14.75 26.32 9.15
N ALA A 203 14.06 26.38 10.30
CA ALA A 203 14.81 26.66 11.53
C ALA A 203 15.86 25.57 11.83
N LYS A 204 15.51 24.32 11.55
CA LYS A 204 16.38 23.17 11.79
C LYS A 204 17.64 23.26 10.91
N ILE A 205 17.40 23.57 9.64
CA ILE A 205 18.51 23.87 8.73
C ILE A 205 19.38 25.04 9.22
N LYS A 206 18.75 26.10 9.72
CA LYS A 206 19.52 27.27 10.15
C LYS A 206 20.39 26.90 11.36
N GLU A 207 19.88 26.01 12.21
CA GLU A 207 20.63 25.51 13.34
C GLU A 207 21.90 24.87 12.83
N ILE A 208 21.77 24.17 11.70
CA ILE A 208 22.97 23.57 11.10
C ILE A 208 23.93 24.51 10.35
N VAL A 209 23.41 25.31 9.43
CA VAL A 209 24.25 26.11 8.56
C VAL A 209 24.45 27.55 9.00
N GLY A 210 23.73 27.96 10.04
CA GLY A 210 23.76 29.33 10.52
C GLY A 210 23.02 30.29 9.60
N ASP A 211 23.29 31.58 9.74
CA ASP A 211 22.41 32.46 9.02
C ASP A 211 23.12 32.78 7.73
N VAL A 212 22.77 31.98 6.74
CA VAL A 212 23.32 32.06 5.39
C VAL A 212 22.41 32.98 4.62
N PRO A 213 22.96 33.65 3.59
CA PRO A 213 22.17 34.57 2.79
C PRO A 213 20.91 33.87 2.33
N GLY A 214 19.74 34.48 2.54
CA GLY A 214 18.49 33.92 2.06
C GLY A 214 17.69 33.02 3.00
N ILE A 215 18.29 32.59 4.09
CA ILE A 215 17.59 31.60 4.93
C ILE A 215 16.37 32.21 5.65
N ASP A 216 16.42 33.50 5.99
CA ASP A 216 15.26 34.12 6.61
C ASP A 216 14.16 34.27 5.58
N SER A 217 14.56 34.51 4.35
CA SER A 217 13.62 34.55 3.23
C SER A 217 12.96 33.17 3.03
N ALA A 218 13.73 32.09 3.25
CA ALA A 218 13.15 30.76 3.16
C ALA A 218 12.13 30.62 4.28
N ALA A 219 12.44 31.19 5.45
CA ALA A 219 11.46 31.17 6.53
C ALA A 219 10.17 31.89 6.11
N ALA A 220 10.31 32.96 5.35
CA ALA A 220 9.16 33.73 4.87
C ALA A 220 8.33 32.94 3.84
N THR A 221 9.03 32.23 2.96
CA THR A 221 8.37 31.34 2.01
C THR A 221 7.55 30.33 2.77
N ALA A 222 8.17 29.79 3.82
CA ALA A 222 7.60 28.71 4.61
C ALA A 222 6.28 29.11 5.30
N THR A 223 6.14 30.40 5.60
CA THR A 223 4.93 30.95 6.19
C THR A 223 4.01 31.58 5.13
N SER A 224 4.43 31.44 3.87
CA SER A 224 3.62 31.82 2.71
C SER A 224 4.01 33.18 2.17
N GLY B 27 -23.85 -19.54 8.37
CA GLY B 27 -23.47 -20.41 7.27
C GLY B 27 -23.00 -19.65 6.04
N ASP B 28 -23.15 -18.33 6.06
CA ASP B 28 -22.71 -17.50 4.96
C ASP B 28 -21.25 -17.11 5.07
N ALA B 29 -20.64 -17.40 6.21
CA ALA B 29 -19.23 -17.06 6.43
C ALA B 29 -18.39 -18.33 6.54
N VAL B 30 -17.14 -18.24 6.13
CA VAL B 30 -16.18 -19.30 6.36
C VAL B 30 -15.53 -19.03 7.70
N ARG B 31 -15.66 -19.95 8.66
CA ARG B 31 -15.07 -19.76 9.98
C ARG B 31 -13.70 -20.41 10.12
N VAL B 32 -12.71 -19.60 10.46
CA VAL B 32 -11.34 -20.07 10.67
C VAL B 32 -11.02 -19.99 12.17
N THR B 33 -10.74 -21.16 12.76
CA THR B 33 -10.38 -21.30 14.16
C THR B 33 -9.19 -22.25 14.25
N SER B 34 -8.50 -22.24 15.38
CA SER B 34 -7.45 -23.23 15.63
C SER B 34 -7.92 -24.09 16.78
N SER B 35 -7.13 -25.12 17.10
CA SER B 35 -7.53 -26.06 18.14
C SER B 35 -7.48 -25.39 19.50
N LYS B 36 -6.87 -24.20 19.56
CA LYS B 36 -6.73 -23.48 20.83
C LYS B 36 -7.87 -22.53 21.13
N LEU B 37 -8.89 -22.50 20.26
CA LEU B 37 -9.97 -21.51 20.36
C LEU B 37 -10.56 -21.45 21.76
N VAL B 38 -10.69 -20.26 22.30
CA VAL B 38 -11.35 -20.12 23.61
C VAL B 38 -12.83 -19.85 23.39
N THR B 39 -13.68 -20.58 24.10
CA THR B 39 -15.12 -20.55 23.86
C THR B 39 -15.85 -20.08 25.12
N GLN B 40 -17.09 -19.63 24.96
CA GLN B 40 -17.91 -19.24 26.10
C GLN B 40 -18.22 -20.48 26.91
N PRO B 41 -18.00 -20.44 28.23
CA PRO B 41 -18.18 -21.65 29.06
C PRO B 41 -19.51 -22.35 28.79
N GLY B 42 -19.46 -23.67 28.66
CA GLY B 42 -20.67 -24.44 28.45
C GLY B 42 -21.01 -24.61 26.98
N THR B 43 -20.31 -23.89 26.10
CA THR B 43 -20.68 -23.88 24.69
C THR B 43 -19.48 -24.04 23.78
N SER B 44 -19.75 -24.27 22.49
CA SER B 44 -18.72 -24.23 21.47
C SER B 44 -18.62 -22.83 20.82
N ASN B 45 -19.38 -21.86 21.32
N ASN B 45 -19.37 -21.87 21.32
CA ASN B 45 -19.35 -20.51 20.77
CA ASN B 45 -19.35 -20.51 20.77
C ASN B 45 -18.04 -19.78 21.09
C ASN B 45 -18.04 -19.78 21.09
N PRO B 46 -17.35 -19.27 20.05
CA PRO B 46 -16.12 -18.49 20.32
C PRO B 46 -16.43 -17.32 21.25
N LYS B 47 -15.51 -16.99 22.15
CA LYS B 47 -15.70 -15.78 22.94
C LYS B 47 -15.66 -14.52 22.06
N ALA B 48 -14.82 -14.54 21.03
CA ALA B 48 -14.63 -13.40 20.15
C ALA B 48 -14.70 -13.85 18.72
N VAL B 49 -15.70 -13.37 18.00
CA VAL B 49 -15.79 -13.63 16.57
C VAL B 49 -15.48 -12.33 15.86
N VAL B 50 -14.47 -12.36 15.01
CA VAL B 50 -14.19 -11.17 14.19
C VAL B 50 -14.72 -11.54 12.79
N SER B 51 -15.71 -10.78 12.33
CA SER B 51 -16.34 -10.98 11.04
C SER B 51 -15.79 -10.00 10.02
N PHE B 52 -15.37 -10.52 8.87
CA PHE B 52 -14.84 -9.70 7.78
C PHE B 52 -15.79 -9.83 6.56
N TYR B 53 -16.17 -8.68 6.00
CA TYR B 53 -16.96 -8.65 4.76
C TYR B 53 -16.07 -8.04 3.67
N GLU B 54 -15.79 -8.81 2.63
CA GLU B 54 -14.74 -8.42 1.71
C GLU B 54 -15.15 -8.78 0.29
N ASP B 55 -14.50 -8.16 -0.69
CA ASP B 55 -14.74 -8.44 -2.11
C ASP B 55 -13.35 -8.65 -2.69
N PHE B 56 -13.12 -9.78 -3.38
CA PHE B 56 -11.76 -10.08 -3.84
C PHE B 56 -11.24 -9.07 -4.87
N LEU B 57 -12.12 -8.28 -5.46
CA LEU B 57 -11.68 -7.27 -6.44
C LEU B 57 -11.45 -5.88 -5.82
N CYS B 58 -11.85 -5.72 -4.57
CA CYS B 58 -11.79 -4.43 -3.89
C CYS B 58 -10.38 -4.07 -3.39
N PRO B 59 -9.78 -3.00 -3.93
CA PRO B 59 -8.38 -2.67 -3.58
C PRO B 59 -8.20 -2.39 -2.08
N ALA B 60 -9.20 -1.77 -1.44
CA ALA B 60 -9.10 -1.47 0.00
C ALA B 60 -9.09 -2.75 0.83
N CYS B 61 -9.80 -3.76 0.35
CA CYS B 61 -9.76 -5.07 0.98
C CYS B 61 -8.36 -5.68 0.90
N GLY B 62 -7.65 -5.45 -0.20
CA GLY B 62 -6.33 -6.03 -0.34
C GLY B 62 -5.39 -5.37 0.66
N ILE B 63 -5.50 -4.06 0.78
CA ILE B 63 -4.68 -3.30 1.73
CA ILE B 63 -4.62 -3.35 1.71
C ILE B 63 -4.97 -3.71 3.16
N PHE B 64 -6.26 -3.84 3.46
CA PHE B 64 -6.68 -4.24 4.80
C PHE B 64 -6.16 -5.64 5.14
N GLU B 65 -6.33 -6.58 4.22
N GLU B 65 -6.34 -6.57 4.21
CA GLU B 65 -5.90 -7.95 4.49
CA GLU B 65 -5.90 -7.94 4.45
C GLU B 65 -4.38 -8.08 4.61
C GLU B 65 -4.39 -8.04 4.63
N ARG B 66 -3.64 -7.28 3.84
CA ARG B 66 -2.20 -7.29 3.99
C ARG B 66 -1.75 -6.64 5.28
N GLY B 67 -2.43 -5.56 5.67
CA GLY B 67 -2.09 -4.88 6.91
C GLY B 67 -2.46 -5.64 8.19
N PHE B 68 -3.65 -6.18 8.23
CA PHE B 68 -4.17 -6.88 9.41
C PHE B 68 -3.96 -8.40 9.40
N GLY B 69 -3.62 -8.97 8.25
CA GLY B 69 -3.59 -10.42 8.10
C GLY B 69 -2.73 -11.15 9.11
N PRO B 70 -1.47 -10.71 9.27
CA PRO B 70 -0.58 -11.38 10.22
C PRO B 70 -1.13 -11.35 11.65
N THR B 71 -1.65 -10.21 12.06
CA THR B 71 -2.26 -10.11 13.39
C THR B 71 -3.48 -11.02 13.50
N VAL B 72 -4.38 -11.00 12.51
CA VAL B 72 -5.55 -11.90 12.55
C VAL B 72 -5.10 -13.37 12.65
N SER B 73 -4.05 -13.72 11.92
CA SER B 73 -3.54 -15.08 11.92
C SER B 73 -3.01 -15.47 13.29
N LYS B 74 -2.35 -14.52 13.95
CA LYS B 74 -1.80 -14.81 15.27
C LYS B 74 -2.94 -14.97 16.28
N LEU B 75 -3.94 -14.10 16.19
CA LEU B 75 -5.12 -14.19 17.07
C LEU B 75 -5.87 -15.51 16.86
N VAL B 76 -5.95 -15.98 15.63
CA VAL B 76 -6.58 -17.29 15.36
C VAL B 76 -5.74 -18.46 15.92
N ASP B 77 -4.45 -18.41 15.64
CA ASP B 77 -3.52 -19.46 16.04
C ASP B 77 -3.46 -19.60 17.57
N ILE B 78 -3.41 -18.48 18.28
CA ILE B 78 -3.35 -18.55 19.74
C ILE B 78 -4.73 -18.83 20.33
N GLY B 79 -5.77 -18.80 19.48
CA GLY B 79 -7.09 -19.20 19.91
C GLY B 79 -7.94 -18.10 20.48
N ALA B 80 -7.48 -16.85 20.37
CA ALA B 80 -8.23 -15.71 20.91
C ALA B 80 -9.51 -15.43 20.12
N VAL B 81 -9.49 -15.71 18.81
CA VAL B 81 -10.66 -15.43 17.98
C VAL B 81 -11.01 -16.54 17.00
N ALA B 82 -12.28 -16.56 16.60
CA ALA B 82 -12.67 -17.17 15.32
C ALA B 82 -12.64 -16.02 14.33
N ALA B 83 -12.10 -16.25 13.15
CA ALA B 83 -12.16 -15.26 12.09
C ALA B 83 -13.18 -15.73 11.06
N ASP B 84 -14.28 -14.99 10.89
CA ASP B 84 -15.34 -15.37 9.95
C ASP B 84 -15.25 -14.49 8.70
N TYR B 85 -15.29 -15.12 7.52
CA TYR B 85 -15.13 -14.39 6.26
C TYR B 85 -16.37 -14.55 5.38
N THR B 86 -16.96 -13.43 4.99
CA THR B 86 -18.09 -13.45 4.08
C THR B 86 -17.57 -12.72 2.85
N MSE B 87 -17.47 -13.44 1.74
CA MSE B 87 -16.89 -12.86 0.53
CA MSE B 87 -16.91 -12.83 0.55
C MSE B 87 -18.00 -12.48 -0.44
O MSE B 87 -18.59 -13.35 -1.08
CB MSE B 87 -15.99 -13.90 -0.15
CB MSE B 87 -15.87 -13.79 -0.04
CG MSE B 87 -14.95 -14.50 0.78
CG MSE B 87 -14.64 -13.82 0.85
SE MSE B 87 -13.75 -13.20 1.58
SE MSE B 87 -13.82 -15.53 1.20
CE MSE B 87 -13.41 -12.09 0.00
CE MSE B 87 -15.27 -16.55 2.01
N VAL B 88 -18.26 -11.19 -0.57
CA VAL B 88 -19.36 -10.81 -1.42
C VAL B 88 -18.81 -10.46 -2.79
N ALA B 89 -19.76 -10.28 -3.70
CA ALA B 89 -19.58 -10.02 -5.12
C ALA B 89 -19.83 -8.63 -5.70
N ILE B 90 -19.92 -7.60 -4.86
CA ILE B 90 -20.39 -6.27 -5.26
C ILE B 90 -19.75 -5.71 -6.53
N LEU B 91 -18.48 -6.03 -6.79
CA LEU B 91 -17.78 -5.40 -7.91
C LEU B 91 -17.91 -6.22 -9.19
N ASP B 92 -18.68 -7.29 -9.10
CA ASP B 92 -18.87 -8.18 -10.23
C ASP B 92 -19.44 -7.51 -11.48
N SER B 93 -18.80 -7.75 -12.63
CA SER B 93 -19.34 -7.26 -13.90
CA SER B 93 -19.33 -7.25 -13.90
C SER B 93 -18.78 -8.05 -15.09
N ALA B 94 -19.45 -7.94 -16.23
CA ALA B 94 -18.96 -8.55 -17.45
C ALA B 94 -17.57 -8.00 -17.79
N SER B 95 -17.28 -6.77 -17.37
CA SER B 95 -16.04 -6.10 -17.73
C SER B 95 -14.83 -6.68 -16.98
N ASN B 96 -15.05 -7.21 -15.78
CA ASN B 96 -14.03 -7.99 -15.08
C ASN B 96 -14.15 -9.51 -15.29
N GLN B 97 -15.03 -9.91 -16.19
CA GLN B 97 -15.22 -11.32 -16.52
C GLN B 97 -15.79 -12.02 -15.29
N HIS B 98 -16.65 -11.28 -14.58
CA HIS B 98 -17.29 -11.79 -13.37
C HIS B 98 -16.28 -12.28 -12.35
N TYR B 99 -15.16 -11.58 -12.24
CA TYR B 99 -14.10 -12.05 -11.35
C TYR B 99 -14.49 -12.04 -9.88
N SER B 100 -15.21 -11.00 -9.44
CA SER B 100 -15.60 -10.92 -8.03
CA SER B 100 -15.56 -10.91 -8.04
C SER B 100 -16.38 -12.15 -7.59
N SER B 101 -17.40 -12.52 -8.37
CA SER B 101 -18.21 -13.69 -8.01
CA SER B 101 -18.22 -13.69 -8.04
C SER B 101 -17.44 -15.01 -8.15
N ARG B 102 -16.69 -15.16 -9.24
CA ARG B 102 -15.93 -16.40 -9.42
C ARG B 102 -14.90 -16.59 -8.31
N ALA B 103 -14.23 -15.50 -7.91
CA ALA B 103 -13.21 -15.58 -6.85
C ALA B 103 -13.86 -15.93 -5.49
N ALA B 104 -14.96 -15.25 -5.15
CA ALA B 104 -15.66 -15.61 -3.90
C ALA B 104 -16.14 -17.07 -3.91
N ALA B 105 -16.77 -17.48 -5.01
CA ALA B 105 -17.25 -18.86 -5.13
C ALA B 105 -16.11 -19.84 -4.94
N ALA B 106 -14.97 -19.54 -5.58
CA ALA B 106 -13.82 -20.45 -5.49
C ALA B 106 -13.34 -20.54 -4.04
N ALA B 107 -13.32 -19.40 -3.34
CA ALA B 107 -12.95 -19.42 -1.90
C ALA B 107 -13.86 -20.31 -1.05
N TYR B 108 -15.16 -20.20 -1.30
CA TYR B 108 -16.10 -21.06 -0.58
C TYR B 108 -15.86 -22.56 -0.90
N CYS B 109 -15.60 -22.87 -2.18
CA CYS B 109 -15.26 -24.25 -2.55
C CYS B 109 -14.02 -24.76 -1.76
N VAL B 110 -13.01 -23.91 -1.71
CA VAL B 110 -11.77 -24.26 -1.04
C VAL B 110 -12.05 -24.53 0.43
N ALA B 111 -12.85 -23.64 1.04
CA ALA B 111 -13.17 -23.77 2.47
C ALA B 111 -13.94 -25.05 2.73
N ASP B 112 -14.88 -25.38 1.84
CA ASP B 112 -15.65 -26.62 1.98
C ASP B 112 -14.69 -27.79 2.13
N GLU B 113 -13.65 -27.77 1.32
CA GLU B 113 -12.67 -28.86 1.34
C GLU B 113 -11.58 -28.83 2.44
N SER B 114 -10.91 -27.70 2.60
CA SER B 114 -9.93 -27.56 3.68
C SER B 114 -9.91 -26.15 4.20
N ILE B 115 -10.03 -25.98 5.52
CA ILE B 115 -9.93 -24.64 6.12
C ILE B 115 -8.47 -24.13 6.10
N GLU B 116 -7.49 -25.02 6.27
CA GLU B 116 -6.10 -24.55 6.24
C GLU B 116 -5.77 -24.07 4.84
N ALA B 117 -6.27 -24.82 3.84
CA ALA B 117 -6.05 -24.40 2.45
C ALA B 117 -6.80 -23.10 2.17
N PHE B 118 -7.99 -22.93 2.77
CA PHE B 118 -8.69 -21.63 2.65
C PHE B 118 -7.84 -20.48 3.19
N ARG B 119 -7.22 -20.65 4.36
CA ARG B 119 -6.43 -19.53 4.91
C ARG B 119 -5.39 -19.10 3.90
N ARG B 120 -4.70 -20.08 3.32
CA ARG B 120 -3.72 -19.74 2.28
C ARG B 120 -4.30 -19.17 0.98
N PHE B 121 -5.40 -19.73 0.51
CA PHE B 121 -6.00 -19.26 -0.75
C PHE B 121 -6.45 -17.81 -0.59
N HIS B 122 -7.13 -17.55 0.52
CA HIS B 122 -7.65 -16.23 0.83
C HIS B 122 -6.50 -15.24 0.93
N ALA B 123 -5.43 -15.62 1.62
CA ALA B 123 -4.25 -14.75 1.66
C ALA B 123 -3.66 -14.51 0.27
N ALA B 124 -3.56 -15.54 -0.55
CA ALA B 124 -2.97 -15.35 -1.87
C ALA B 124 -3.82 -14.45 -2.78
N MSE B 125 -5.14 -14.58 -2.69
CA MSE B 125 -6.03 -13.79 -3.57
C MSE B 125 -5.91 -12.28 -3.25
O MSE B 125 -6.13 -11.42 -4.12
CB MSE B 125 -7.50 -14.26 -3.42
CG MSE B 125 -7.71 -15.72 -3.78
SE MSE B 125 -7.45 -15.82 -5.72
CE MSE B 125 -9.25 -15.19 -6.18
N PHE B 126 -5.54 -11.93 -2.02
CA PHE B 126 -5.31 -10.51 -1.66
C PHE B 126 -3.85 -10.06 -1.76
N SER B 127 -2.95 -10.91 -2.26
CA SER B 127 -1.55 -10.51 -2.41
C SER B 127 -1.36 -9.54 -3.58
N LYS B 128 -0.25 -8.81 -3.53
CA LYS B 128 -0.05 -7.66 -4.43
C LYS B 128 -0.03 -7.97 -5.92
N ASP B 129 0.58 -9.10 -6.29
CA ASP B 129 0.70 -9.50 -7.68
C ASP B 129 -0.47 -10.36 -8.16
N ILE B 130 -1.35 -10.74 -7.24
CA ILE B 130 -2.55 -11.52 -7.60
C ILE B 130 -3.84 -10.67 -7.78
N GLN B 131 -4.24 -9.92 -6.76
CA GLN B 131 -5.49 -9.16 -6.91
C GLN B 131 -5.42 -8.23 -8.13
N PRO B 132 -6.31 -8.44 -9.11
N PRO B 132 -6.30 -8.44 -9.13
CA PRO B 132 -6.20 -7.72 -10.39
CA PRO B 132 -6.16 -7.72 -10.39
C PRO B 132 -6.67 -6.26 -10.36
C PRO B 132 -6.68 -6.28 -10.38
N ALA B 133 -6.18 -5.47 -11.31
CA ALA B 133 -6.65 -4.11 -11.51
C ALA B 133 -8.12 -4.10 -11.97
N GLU B 134 -8.95 -3.22 -11.40
CA GLU B 134 -10.37 -3.19 -11.77
C GLU B 134 -10.59 -2.96 -13.27
N LEU B 135 -9.78 -2.06 -13.84
CA LEU B 135 -9.89 -1.73 -15.27
C LEU B 135 -8.90 -2.46 -16.17
N GLY B 136 -8.10 -3.36 -15.62
CA GLY B 136 -7.15 -4.10 -16.43
C GLY B 136 -7.82 -5.03 -17.43
N LYS B 137 -7.04 -5.64 -18.32
CA LYS B 137 -7.59 -6.59 -19.27
C LYS B 137 -7.52 -8.02 -18.76
N ASP B 138 -6.78 -8.23 -17.68
CA ASP B 138 -6.46 -9.58 -17.23
CA ASP B 138 -6.41 -9.57 -17.21
C ASP B 138 -7.05 -9.94 -15.87
N PHE B 139 -7.88 -10.98 -15.86
CA PHE B 139 -8.43 -11.49 -14.61
C PHE B 139 -8.25 -13.02 -14.55
N PRO B 140 -7.90 -13.55 -13.37
CA PRO B 140 -7.78 -15.01 -13.26
C PRO B 140 -9.07 -15.72 -13.75
N ASP B 141 -8.90 -16.69 -14.64
CA ASP B 141 -10.05 -17.48 -15.10
C ASP B 141 -10.21 -18.61 -14.08
N ASN B 142 -11.21 -19.46 -14.26
CA ASN B 142 -11.49 -20.48 -13.26
C ASN B 142 -10.37 -21.51 -13.17
N ALA B 143 -9.72 -21.81 -14.29
CA ALA B 143 -8.61 -22.76 -14.24
C ALA B 143 -7.47 -22.18 -13.40
N ARG B 144 -7.24 -20.87 -13.51
CA ARG B 144 -6.21 -20.24 -12.68
C ARG B 144 -6.61 -20.27 -11.20
N LEU B 145 -7.89 -20.04 -10.90
CA LEU B 145 -8.35 -20.13 -9.52
C LEU B 145 -8.12 -21.54 -8.99
N ILE B 146 -8.42 -22.54 -9.80
CA ILE B 146 -8.19 -23.93 -9.38
C ILE B 146 -6.70 -24.19 -9.12
N GLU B 147 -5.86 -23.65 -10.00
CA GLU B 147 -4.43 -23.78 -9.86
CA GLU B 147 -4.42 -23.82 -9.83
C GLU B 147 -3.93 -23.12 -8.57
N LEU B 148 -4.49 -21.95 -8.27
CA LEU B 148 -4.14 -21.26 -7.03
C LEU B 148 -4.61 -22.08 -5.82
N ALA B 149 -5.74 -22.78 -5.95
CA ALA B 149 -6.20 -23.63 -4.84
C ALA B 149 -5.21 -24.78 -4.67
N ARG B 150 -4.72 -25.29 -5.78
CA ARG B 150 -3.74 -26.37 -5.73
C ARG B 150 -2.46 -25.89 -5.05
N GLU B 151 -2.01 -24.68 -5.36
CA GLU B 151 -0.80 -24.12 -4.74
C GLU B 151 -1.04 -23.91 -3.25
N ALA B 152 -2.30 -23.61 -2.91
CA ALA B 152 -2.72 -23.45 -1.51
C ALA B 152 -2.82 -24.78 -0.75
N GLY B 153 -2.58 -25.89 -1.44
CA GLY B 153 -2.56 -27.20 -0.80
C GLY B 153 -3.78 -28.09 -0.98
N VAL B 154 -4.69 -27.77 -1.92
CA VAL B 154 -5.88 -28.59 -2.06
C VAL B 154 -6.28 -28.92 -3.51
N VAL B 155 -6.59 -30.18 -3.78
CA VAL B 155 -7.29 -30.45 -5.03
C VAL B 155 -8.60 -31.16 -4.70
N GLY B 156 -8.61 -32.49 -4.52
CA GLY B 156 -9.83 -33.14 -4.06
C GLY B 156 -11.07 -32.73 -4.84
N LYS B 157 -12.10 -32.30 -4.12
CA LYS B 157 -13.36 -31.87 -4.75
C LYS B 157 -13.34 -30.44 -5.27
N VAL B 158 -12.27 -29.71 -4.99
CA VAL B 158 -12.28 -28.28 -5.34
C VAL B 158 -12.46 -27.98 -6.84
N PRO B 159 -11.73 -28.69 -7.72
CA PRO B 159 -11.92 -28.34 -9.14
C PRO B 159 -13.37 -28.53 -9.55
N ASP B 160 -13.98 -29.63 -9.15
CA ASP B 160 -15.37 -29.89 -9.57
C ASP B 160 -16.36 -28.87 -8.95
N CYS B 161 -16.09 -28.49 -7.71
CA CYS B 161 -16.90 -27.47 -7.05
C CYS B 161 -16.83 -26.12 -7.80
N ILE B 162 -15.62 -25.73 -8.20
CA ILE B 162 -15.47 -24.45 -8.90
C ILE B 162 -16.11 -24.56 -10.30
N ASN B 163 -15.83 -25.66 -11.00
CA ASN B 163 -16.40 -25.82 -12.35
C ASN B 163 -17.93 -25.93 -12.36
N SER B 164 -18.51 -26.41 -11.28
CA SER B 164 -19.94 -26.59 -11.19
C SER B 164 -20.66 -25.26 -11.13
N GLY B 165 -19.95 -24.20 -10.73
CA GLY B 165 -20.53 -22.87 -10.55
C GLY B 165 -21.60 -22.82 -9.46
N LYS B 166 -21.61 -23.83 -8.62
CA LYS B 166 -22.69 -23.95 -7.64
C LYS B 166 -22.76 -22.82 -6.60
N TYR B 167 -21.65 -22.10 -6.38
CA TYR B 167 -21.67 -20.94 -5.47
C TYR B 167 -21.89 -19.58 -6.10
N ILE B 168 -22.14 -19.51 -7.41
CA ILE B 168 -22.24 -18.22 -8.07
C ILE B 168 -23.49 -17.44 -7.62
N GLU B 169 -24.66 -18.08 -7.59
CA GLU B 169 -25.86 -17.34 -7.24
C GLU B 169 -25.85 -16.93 -5.76
N LYS B 170 -25.42 -17.84 -4.90
CA LYS B 170 -25.16 -17.53 -3.50
C LYS B 170 -24.32 -16.27 -3.34
N VAL B 171 -23.08 -16.29 -3.85
CA VAL B 171 -22.22 -15.13 -3.60
C VAL B 171 -22.83 -13.89 -4.22
N ASP B 172 -23.51 -14.05 -5.35
CA ASP B 172 -24.17 -12.93 -5.98
C ASP B 172 -25.21 -12.34 -5.05
N GLY B 173 -25.80 -13.19 -4.22
CA GLY B 173 -26.84 -12.76 -3.31
C GLY B 173 -26.35 -12.30 -1.96
N LEU B 174 -25.07 -12.54 -1.68
CA LEU B 174 -24.57 -12.35 -0.32
C LEU B 174 -24.65 -10.92 0.22
N ALA B 175 -24.32 -9.92 -0.60
CA ALA B 175 -24.31 -8.56 -0.09
C ALA B 175 -25.71 -8.19 0.39
N ALA B 176 -26.71 -8.54 -0.42
CA ALA B 176 -28.10 -8.25 -0.07
C ALA B 176 -28.54 -9.08 1.13
N ALA B 177 -28.10 -10.34 1.18
CA ALA B 177 -28.51 -11.24 2.23
C ALA B 177 -28.01 -10.81 3.61
N VAL B 178 -26.76 -10.37 3.69
CA VAL B 178 -26.17 -9.95 4.95
C VAL B 178 -26.28 -8.43 5.12
N ASN B 179 -26.90 -7.77 4.14
CA ASN B 179 -27.07 -6.32 4.17
C ASN B 179 -25.76 -5.62 4.49
N VAL B 180 -24.71 -6.01 3.78
CA VAL B 180 -23.45 -5.30 3.80
C VAL B 180 -23.16 -4.86 2.39
N HIS B 181 -23.24 -3.56 2.18
CA HIS B 181 -22.91 -2.93 0.90
C HIS B 181 -21.57 -2.24 0.73
N ALA B 182 -20.71 -2.33 1.74
CA ALA B 182 -19.42 -1.67 1.73
C ALA B 182 -18.33 -2.62 2.18
N THR B 183 -17.18 -2.58 1.51
CA THR B 183 -16.09 -3.47 1.89
C THR B 183 -14.79 -2.68 1.87
N PRO B 184 -13.87 -3.01 2.77
CA PRO B 184 -14.11 -4.00 3.81
C PRO B 184 -15.03 -3.47 4.93
N THR B 185 -15.66 -4.40 5.62
CA THR B 185 -16.43 -4.10 6.81
C THR B 185 -16.00 -5.12 7.85
N VAL B 186 -15.92 -4.69 9.11
CA VAL B 186 -15.54 -5.59 10.18
C VAL B 186 -16.57 -5.52 11.31
N ARG B 187 -16.95 -6.68 11.84
CA ARG B 187 -17.76 -6.72 13.06
C ARG B 187 -17.02 -7.54 14.12
N VAL B 188 -17.25 -7.22 15.38
CA VAL B 188 -16.65 -7.99 16.46
C VAL B 188 -17.81 -8.42 17.33
N ASN B 189 -18.02 -9.73 17.47
CA ASN B 189 -19.20 -10.25 18.14
C ASN B 189 -20.49 -9.57 17.68
N GLY B 190 -20.58 -9.33 16.37
CA GLY B 190 -21.80 -8.85 15.75
C GLY B 190 -21.96 -7.34 15.75
N THR B 191 -21.04 -6.65 16.41
CA THR B 191 -21.11 -5.19 16.46
C THR B 191 -20.13 -4.54 15.47
N GLU B 192 -20.61 -3.57 14.71
CA GLU B 192 -19.74 -2.87 13.75
C GLU B 192 -18.46 -2.39 14.45
N TYR B 193 -17.32 -2.60 13.80
CA TYR B 193 -16.07 -2.22 14.39
C TYR B 193 -15.34 -1.29 13.44
N GLU B 194 -15.08 -0.06 13.87
CA GLU B 194 -14.35 0.83 12.98
C GLU B 194 -12.86 0.62 13.29
N TRP B 195 -12.14 0.00 12.36
CA TRP B 195 -10.76 -0.39 12.63
C TRP B 195 -9.80 0.76 12.49
N SER B 196 -8.66 0.65 13.17
CA SER B 196 -7.57 1.57 12.92
C SER B 196 -6.26 0.84 12.67
N THR B 197 -5.68 0.29 13.74
CA THR B 197 -4.40 -0.40 13.62
C THR B 197 -4.58 -1.83 14.12
N PRO B 198 -3.76 -2.76 13.61
CA PRO B 198 -3.72 -4.12 14.15
C PRO B 198 -3.59 -4.12 15.69
N ALA B 199 -2.76 -3.24 16.24
CA ALA B 199 -2.55 -3.24 17.70
C ALA B 199 -3.86 -2.89 18.44
N ALA B 200 -4.57 -1.90 17.92
CA ALA B 200 -5.90 -1.54 18.45
C ALA B 200 -6.86 -2.73 18.39
N MSE B 201 -6.80 -3.50 17.31
CA MSE B 201 -7.67 -4.69 17.22
C MSE B 201 -7.28 -5.68 18.31
O MSE B 201 -8.14 -6.26 18.96
CB MSE B 201 -7.59 -5.38 15.87
CG MSE B 201 -8.54 -6.57 15.79
SE MSE B 201 -8.45 -7.50 14.05
CE MSE B 201 -9.55 -6.22 13.03
N VAL B 202 -5.98 -5.89 18.52
CA VAL B 202 -5.57 -6.81 19.57
C VAL B 202 -6.08 -6.36 20.94
N ALA B 203 -5.93 -5.08 21.26
CA ALA B 203 -6.46 -4.54 22.51
C ALA B 203 -7.98 -4.78 22.66
N LYS B 204 -8.71 -4.51 21.57
CA LYS B 204 -10.15 -4.76 21.54
C LYS B 204 -10.47 -6.20 21.89
N ILE B 205 -9.74 -7.13 21.28
CA ILE B 205 -9.99 -8.54 21.54
C ILE B 205 -9.59 -8.94 22.97
N LYS B 206 -8.51 -8.35 23.47
CA LYS B 206 -8.02 -8.69 24.80
C LYS B 206 -9.05 -8.28 25.85
N GLU B 207 -9.74 -7.16 25.60
CA GLU B 207 -10.81 -6.74 26.51
C GLU B 207 -11.82 -7.88 26.68
N ILE B 208 -12.07 -8.61 25.59
CA ILE B 208 -13.01 -9.73 25.62
C ILE B 208 -12.49 -11.05 26.20
N VAL B 209 -11.32 -11.48 25.74
CA VAL B 209 -10.80 -12.78 26.12
C VAL B 209 -9.82 -12.75 27.29
N GLY B 210 -9.43 -11.56 27.71
CA GLY B 210 -8.38 -11.41 28.70
C GLY B 210 -7.03 -11.94 28.23
N ASP B 211 -6.40 -12.68 29.12
CA ASP B 211 -4.95 -12.90 29.19
C ASP B 211 -4.40 -14.05 28.34
N VAL B 212 -5.20 -14.53 27.39
CA VAL B 212 -4.90 -15.75 26.66
C VAL B 212 -3.43 -15.77 26.25
N PRO B 213 -2.75 -16.89 26.53
CA PRO B 213 -1.31 -16.94 26.23
C PRO B 213 -1.08 -16.61 24.76
N GLY B 214 -0.08 -15.76 24.52
CA GLY B 214 0.28 -15.38 23.17
C GLY B 214 -0.26 -14.03 22.75
N ILE B 215 -1.21 -13.50 23.52
CA ILE B 215 -1.92 -12.31 23.08
C ILE B 215 -1.08 -11.04 23.23
N ASP B 216 -0.28 -10.98 24.30
CA ASP B 216 0.67 -9.87 24.41
C ASP B 216 1.72 -9.94 23.31
N SER B 217 2.12 -11.15 22.94
CA SER B 217 3.00 -11.32 21.79
C SER B 217 2.35 -10.78 20.51
N ALA B 218 1.08 -11.12 20.31
CA ALA B 218 0.36 -10.66 19.14
C ALA B 218 0.31 -9.13 19.13
N ALA B 219 0.18 -8.53 20.31
CA ALA B 219 0.20 -7.07 20.43
C ALA B 219 1.56 -6.50 20.04
N ALA B 220 2.61 -7.01 20.67
CA ALA B 220 3.97 -6.53 20.46
C ALA B 220 4.35 -6.60 18.98
N THR B 221 4.00 -7.71 18.34
CA THR B 221 4.35 -7.91 16.94
C THR B 221 3.33 -7.25 15.99
N ALA B 222 2.20 -6.80 16.52
CA ALA B 222 1.21 -6.10 15.71
C ALA B 222 1.74 -4.72 15.28
N THR B 223 2.82 -4.28 15.92
CA THR B 223 3.42 -2.99 15.61
C THR B 223 4.59 -3.13 14.64
S SO4 C . -3.47 20.03 0.36
O1 SO4 C . -4.69 20.83 0.28
O2 SO4 C . -3.70 18.62 0.19
O3 SO4 C . -2.53 20.46 -0.69
O4 SO4 C . -2.93 20.23 1.69
#